data_6V4R
#
_entry.id   6V4R
#
_cell.length_a   133.780
_cell.length_b   133.780
_cell.length_c   91.910
_cell.angle_alpha   90.000
_cell.angle_beta   90.000
_cell.angle_gamma   120.000
#
_symmetry.space_group_name_H-M   'P 31 2 1'
#
loop_
_entity.id
_entity.type
_entity.pdbx_description
1 polymer 'Chimera-1 Fab heavy chain'
2 polymer 'Chimera-1 Fab light chain'
#
loop_
_entity_poly.entity_id
_entity_poly.type
_entity_poly.pdbx_seq_one_letter_code
_entity_poly.pdbx_strand_id
1 'polypeptide(L)'
;QLQLQESGPGLVKPSETLSLTCTVSGGSISSSSYYWGWIRQPPGKGLEWIGSVYYSGGASYNPSLKSRATISVDTSKNQF
SLNLDSVSAADTAIYYCASIAAAGSFYYYYYMDVWGKGSTVTVSSASTKGPSVFPLAPSSKSTSGGTAALGCLVKDYFPE
PVTVSWNSGALTSGVHTFPAVLQSSGLYSLSSVVTVPSSSLGTQTYICNVNHKPSNTKVDKKVEPKSC
;
H
2 'polypeptide(L)'
;DIQMTQSPSSLSASVGDRVTITCQASQVISNYLNWYQQKPGKAPKLLIYDTSNLKTGVPSRFSGSGSGTDFTFTISSLQP
EDIATYYCQQYENLQFTFGPGTKVDIKRTVAAPSVFIFPPSDEQLKSGTASVVCLLNNFYPREAKVQWKVDNALQSGNSQ
ESVTEQDSKDSTYSLSSTLTLSKADYEKHKVYACEVTHQGLSSPVTKSFNRGEC
;
L
#
# COMPACT_ATOMS: atom_id res chain seq x y z
N GLN A 1 -14.43 19.28 -2.01
CA GLN A 1 -14.57 18.89 -3.40
C GLN A 1 -15.17 17.50 -3.52
N LEU A 2 -15.38 17.04 -4.75
CA LEU A 2 -15.93 15.71 -5.00
C LEU A 2 -15.02 14.61 -4.41
N GLN A 3 -15.62 13.70 -3.63
CA GLN A 3 -14.93 12.57 -2.99
C GLN A 3 -15.68 11.24 -3.06
N LEU A 4 -14.92 10.14 -3.13
CA LEU A 4 -15.47 8.81 -3.16
C LEU A 4 -15.05 8.01 -1.93
N GLN A 5 -15.97 7.23 -1.41
CA GLN A 5 -15.69 6.39 -0.25
C GLN A 5 -16.03 4.94 -0.47
N GLU A 6 -15.03 4.10 -0.20
CA GLU A 6 -15.10 2.65 -0.37
C GLU A 6 -15.94 1.97 0.72
N SER A 7 -16.63 0.90 0.33
CA SER A 7 -17.40 0.07 1.24
C SER A 7 -17.61 -1.35 0.70
N GLY A 8 -17.58 -2.34 1.59
CA GLY A 8 -17.83 -3.71 1.19
C GLY A 8 -16.93 -4.66 1.96
N PRO A 9 -17.10 -5.98 1.79
CA PRO A 9 -16.37 -7.04 2.44
C PRO A 9 -14.97 -7.14 1.91
N GLY A 10 -14.06 -7.62 2.74
CA GLY A 10 -12.70 -7.89 2.30
C GLY A 10 -12.50 -9.36 1.95
N LEU A 11 -13.57 -10.15 2.05
CA LEU A 11 -13.48 -11.57 1.82
C LEU A 11 -14.74 -12.13 1.19
N VAL A 12 -14.55 -12.91 0.13
CA VAL A 12 -15.62 -13.59 -0.60
C VAL A 12 -15.17 -15.06 -0.87
N LYS A 13 -16.10 -16.03 -0.84
CA LYS A 13 -15.68 -17.42 -1.08
C LYS A 13 -15.70 -17.70 -2.59
N PRO A 14 -14.91 -18.66 -3.10
CA PRO A 14 -14.92 -19.06 -4.50
C PRO A 14 -16.35 -19.40 -4.94
N SER A 15 -16.70 -19.01 -6.17
CA SER A 15 -18.01 -19.22 -6.83
C SER A 15 -19.13 -18.27 -6.36
N GLU A 16 -18.87 -17.45 -5.34
CA GLU A 16 -19.85 -16.50 -4.85
C GLU A 16 -19.81 -15.19 -5.64
N THR A 17 -20.66 -14.25 -5.26
CA THR A 17 -20.68 -12.95 -5.92
C THR A 17 -20.00 -11.92 -5.00
N LEU A 18 -19.09 -11.14 -5.57
CA LEU A 18 -18.46 -10.07 -4.80
C LEU A 18 -19.24 -8.80 -5.00
N SER A 19 -19.74 -8.23 -3.92
CA SER A 19 -20.54 -7.03 -4.00
C SER A 19 -19.92 -5.86 -3.24
N LEU A 20 -19.52 -4.81 -3.99
CA LEU A 20 -18.86 -3.62 -3.44
C LEU A 20 -19.69 -2.34 -3.71
N THR A 21 -19.60 -1.35 -2.81
CA THR A 21 -20.32 -0.06 -2.96
C THR A 21 -19.47 1.20 -2.77
N CYS A 22 -19.70 2.20 -3.65
CA CYS A 22 -19.10 3.53 -3.50
C CYS A 22 -20.12 4.53 -3.02
N THR A 23 -19.70 5.40 -2.11
CA THR A 23 -20.55 6.47 -1.68
C THR A 23 -19.96 7.75 -2.21
N VAL A 24 -20.81 8.59 -2.77
CA VAL A 24 -20.33 9.83 -3.35
C VAL A 24 -20.73 11.01 -2.49
N SER A 25 -19.78 11.90 -2.25
CA SER A 25 -20.02 13.09 -1.46
C SER A 25 -19.26 14.26 -2.08
N GLY A 26 -19.61 15.49 -1.72
CA GLY A 26 -18.94 16.65 -2.30
C GLY A 26 -19.55 17.04 -3.65
N GLY A 27 -20.65 16.36 -4.00
CA GLY A 27 -21.38 16.57 -5.24
C GLY A 27 -22.36 15.40 -5.48
N SER A 28 -23.31 15.60 -6.39
CA SER A 28 -24.30 14.56 -6.73
C SER A 28 -23.89 13.77 -7.95
N ILE A 29 -24.28 12.51 -7.98
CA ILE A 29 -24.03 11.68 -9.16
C ILE A 29 -25.04 11.93 -10.28
N SER A 30 -26.11 12.67 -10.01
CA SER A 30 -27.15 12.91 -11.00
C SER A 30 -26.78 13.99 -12.02
N SER A 31 -25.72 13.74 -12.82
CA SER A 31 -25.25 14.72 -13.81
C SER A 31 -24.67 14.10 -15.07
N SER A 32 -24.97 14.72 -16.21
CA SER A 32 -24.45 14.23 -17.49
C SER A 32 -22.98 14.58 -17.70
N SER A 33 -22.42 15.36 -16.77
CA SER A 33 -21.00 15.69 -16.83
C SER A 33 -20.15 14.55 -16.23
N TYR A 34 -20.79 13.56 -15.56
CA TYR A 34 -20.05 12.42 -14.97
C TYR A 34 -20.61 11.02 -15.22
N TYR A 35 -19.66 10.08 -15.31
CA TYR A 35 -19.93 8.65 -15.39
C TYR A 35 -19.26 8.05 -14.16
N TRP A 36 -19.78 6.95 -13.63
CA TRP A 36 -19.18 6.43 -12.40
C TRP A 36 -18.70 5.01 -12.61
N GLY A 37 -17.63 4.57 -11.94
CA GLY A 37 -17.24 3.20 -12.21
C GLY A 37 -16.19 2.57 -11.32
N TRP A 38 -15.73 1.39 -11.77
CA TRP A 38 -14.82 0.54 -11.01
C TRP A 38 -13.58 0.09 -11.75
N ILE A 39 -12.48 0.07 -10.99
CA ILE A 39 -11.14 -0.31 -11.43
C ILE A 39 -10.51 -1.25 -10.44
N ARG A 40 -9.79 -2.26 -10.89
CA ARG A 40 -9.12 -3.10 -9.91
C ARG A 40 -7.64 -3.30 -10.18
N GLN A 41 -6.94 -3.63 -9.11
CA GLN A 41 -5.52 -3.90 -9.18
C GLN A 41 -5.07 -5.15 -8.43
N PRO A 42 -4.98 -6.33 -9.09
CA PRO A 42 -4.55 -7.55 -8.47
C PRO A 42 -3.19 -7.23 -7.88
N PRO A 43 -2.77 -7.80 -6.73
CA PRO A 43 -1.49 -7.49 -6.14
C PRO A 43 -0.36 -7.72 -7.13
N GLY A 44 0.54 -6.75 -7.20
CA GLY A 44 1.73 -6.80 -8.07
C GLY A 44 1.45 -6.43 -9.54
N LYS A 45 0.18 -6.19 -9.87
CA LYS A 45 -0.23 -5.90 -11.22
C LYS A 45 -0.61 -4.45 -11.42
N GLY A 46 -0.86 -4.11 -12.68
CA GLY A 46 -1.28 -2.77 -13.02
C GLY A 46 -2.78 -2.64 -12.87
N LEU A 47 -3.34 -1.57 -13.40
CA LEU A 47 -4.74 -1.31 -13.23
C LEU A 47 -5.56 -1.94 -14.32
N GLU A 48 -6.74 -2.40 -13.96
CA GLU A 48 -7.65 -2.95 -14.93
C GLU A 48 -9.03 -2.35 -14.78
N TRP A 49 -9.56 -1.86 -15.87
CA TRP A 49 -10.89 -1.28 -15.88
C TRP A 49 -11.91 -2.38 -15.73
N ILE A 50 -12.89 -2.21 -14.86
CA ILE A 50 -13.96 -3.18 -14.78
C ILE A 50 -15.16 -2.71 -15.59
N GLY A 51 -15.63 -1.51 -15.25
CA GLY A 51 -16.83 -1.03 -15.92
C GLY A 51 -17.29 0.35 -15.47
N SER A 52 -18.39 0.81 -16.06
CA SER A 52 -18.92 2.13 -15.77
C SER A 52 -20.45 2.23 -15.94
N VAL A 53 -21.08 3.06 -15.10
CA VAL A 53 -22.53 3.26 -15.13
C VAL A 53 -22.88 4.75 -15.20
N TYR A 54 -23.92 5.02 -15.95
CA TYR A 54 -24.43 6.36 -16.16
C TYR A 54 -25.69 6.53 -15.32
N TYR A 55 -25.78 7.64 -14.60
CA TYR A 55 -26.87 7.89 -13.64
C TYR A 55 -28.30 7.67 -14.20
N SER A 56 -28.49 7.78 -15.52
CA SER A 56 -29.82 7.60 -16.11
C SER A 56 -30.20 6.11 -16.23
N GLY A 57 -29.23 5.22 -15.99
CA GLY A 57 -29.42 3.76 -16.07
C GLY A 57 -28.60 3.02 -17.14
N GLY A 58 -27.81 3.73 -17.93
CA GLY A 58 -27.00 3.05 -18.95
C GLY A 58 -25.71 2.50 -18.35
N ALA A 59 -24.97 1.68 -19.09
CA ALA A 59 -23.69 1.16 -18.60
C ALA A 59 -22.82 0.60 -19.71
N SER A 60 -21.53 0.46 -19.42
CA SER A 60 -20.54 -0.15 -20.31
C SER A 60 -19.57 -0.96 -19.49
N TYR A 61 -18.99 -1.99 -20.11
CA TYR A 61 -18.09 -2.91 -19.38
C TYR A 61 -16.86 -3.38 -20.13
N ASN A 62 -15.84 -3.79 -19.36
CA ASN A 62 -14.68 -4.51 -19.87
C ASN A 62 -15.18 -5.90 -20.33
N PRO A 63 -15.08 -6.27 -21.61
CA PRO A 63 -15.55 -7.54 -22.17
C PRO A 63 -15.09 -8.78 -21.39
N SER A 64 -13.91 -8.73 -20.75
CA SER A 64 -13.44 -9.90 -20.02
C SER A 64 -14.21 -10.15 -18.71
N LEU A 65 -14.91 -9.11 -18.25
CA LEU A 65 -15.70 -9.15 -17.04
C LEU A 65 -17.18 -8.93 -17.31
N LYS A 66 -17.52 -8.40 -18.49
CA LYS A 66 -18.90 -8.07 -18.83
C LYS A 66 -19.88 -9.25 -18.65
N SER A 67 -19.42 -10.46 -18.98
CA SER A 67 -20.28 -11.64 -18.85
C SER A 67 -20.50 -12.05 -17.39
N ARG A 68 -19.69 -11.50 -16.48
CA ARG A 68 -19.72 -11.81 -15.08
C ARG A 68 -20.14 -10.63 -14.21
N ALA A 69 -19.99 -9.41 -14.72
CA ALA A 69 -20.19 -8.24 -13.86
C ALA A 69 -21.38 -7.39 -14.21
N THR A 70 -21.96 -6.81 -13.17
CA THR A 70 -23.00 -5.81 -13.31
C THR A 70 -22.75 -4.61 -12.40
N ILE A 71 -22.91 -3.41 -12.98
CA ILE A 71 -22.75 -2.17 -12.24
C ILE A 71 -24.04 -1.36 -12.28
N SER A 72 -24.47 -0.92 -11.11
CA SER A 72 -25.72 -0.19 -10.94
C SER A 72 -25.48 1.15 -10.29
N VAL A 73 -26.51 1.99 -10.29
CA VAL A 73 -26.42 3.33 -9.75
C VAL A 73 -27.73 3.80 -9.12
N ASP A 74 -27.65 4.58 -8.04
CA ASP A 74 -28.84 5.12 -7.37
C ASP A 74 -28.70 6.60 -6.99
N THR A 75 -29.43 7.44 -7.74
CA THR A 75 -29.35 8.90 -7.62
C THR A 75 -30.07 9.48 -6.38
N SER A 76 -30.86 8.67 -5.67
CA SER A 76 -31.52 9.19 -4.47
C SER A 76 -30.62 8.93 -3.27
N LYS A 77 -29.77 7.91 -3.40
CA LYS A 77 -28.82 7.53 -2.35
C LYS A 77 -27.47 8.22 -2.58
N ASN A 78 -27.22 8.61 -3.83
CA ASN A 78 -25.98 9.21 -4.28
C ASN A 78 -24.84 8.19 -4.11
N GLN A 79 -25.15 6.95 -4.54
CA GLN A 79 -24.25 5.80 -4.47
C GLN A 79 -24.19 5.00 -5.78
N PHE A 80 -23.14 4.18 -5.91
CA PHE A 80 -23.08 3.23 -7.03
C PHE A 80 -22.43 1.90 -6.59
N SER A 81 -22.77 0.79 -7.28
CA SER A 81 -22.31 -0.54 -6.84
C SER A 81 -21.84 -1.51 -7.93
N LEU A 82 -20.95 -2.42 -7.53
CA LEU A 82 -20.37 -3.47 -8.39
C LEU A 82 -20.65 -4.88 -7.88
N ASN A 83 -21.19 -5.72 -8.76
CA ASN A 83 -21.44 -7.12 -8.45
C ASN A 83 -20.70 -8.02 -9.44
N LEU A 84 -19.70 -8.75 -8.94
CA LEU A 84 -18.91 -9.63 -9.81
C LEU A 84 -19.23 -11.10 -9.52
N ASP A 85 -19.81 -11.80 -10.50
CA ASP A 85 -20.22 -13.19 -10.32
C ASP A 85 -19.09 -14.19 -10.50
N SER A 86 -19.28 -15.36 -9.87
CA SER A 86 -18.40 -16.53 -9.96
C SER A 86 -16.93 -16.21 -9.64
N VAL A 87 -16.69 -15.59 -8.49
CA VAL A 87 -15.31 -15.18 -8.14
C VAL A 87 -14.35 -16.34 -7.97
N SER A 88 -13.08 -16.07 -8.27
CA SER A 88 -12.02 -17.08 -8.11
C SER A 88 -10.79 -16.43 -7.52
N ALA A 89 -9.74 -17.20 -7.30
CA ALA A 89 -8.49 -16.63 -6.77
C ALA A 89 -7.97 -15.50 -7.67
N ALA A 90 -8.29 -15.57 -8.98
CA ALA A 90 -7.83 -14.61 -9.98
C ALA A 90 -8.35 -13.22 -9.71
N ASP A 91 -9.45 -13.14 -8.96
CA ASP A 91 -10.10 -11.91 -8.69
C ASP A 91 -9.60 -11.24 -7.42
N THR A 92 -8.62 -11.84 -6.72
CA THR A 92 -8.09 -11.15 -5.56
C THR A 92 -7.48 -9.85 -6.08
N ALA A 93 -7.92 -8.75 -5.53
CA ALA A 93 -7.47 -7.47 -6.03
C ALA A 93 -7.86 -6.36 -5.12
N ILE A 94 -7.28 -5.21 -5.40
CA ILE A 94 -7.73 -4.03 -4.70
C ILE A 94 -8.67 -3.33 -5.66
N TYR A 95 -9.89 -3.11 -5.20
CA TYR A 95 -10.93 -2.52 -6.04
C TYR A 95 -11.03 -1.04 -5.72
N TYR A 96 -11.20 -0.21 -6.74
CA TYR A 96 -11.27 1.22 -6.50
C TYR A 96 -12.52 1.87 -7.07
N CYS A 97 -13.00 2.89 -6.33
CA CYS A 97 -14.04 3.77 -6.87
C CYS A 97 -13.39 4.77 -7.81
N ALA A 98 -14.09 5.18 -8.86
CA ALA A 98 -13.57 6.31 -9.60
C ALA A 98 -14.71 7.09 -10.30
N SER A 99 -14.49 8.39 -10.49
CA SER A 99 -15.44 9.17 -11.26
C SER A 99 -14.82 9.55 -12.58
N ILE A 100 -15.63 9.58 -13.61
CA ILE A 100 -15.17 9.93 -14.94
C ILE A 100 -15.79 11.23 -15.41
N ALA A 101 -14.95 12.19 -15.73
CA ALA A 101 -15.40 13.50 -16.17
C ALA A 101 -15.58 13.52 -17.67
N ALA A 102 -16.72 14.06 -18.12
CA ALA A 102 -17.00 14.21 -19.54
C ALA A 102 -16.45 15.53 -20.00
N ALA A 103 -15.33 15.47 -20.67
CA ALA A 103 -14.59 16.64 -21.06
C ALA A 103 -15.18 17.27 -22.30
N GLY A 104 -14.90 18.56 -22.50
CA GLY A 104 -15.34 19.24 -23.70
C GLY A 104 -16.85 19.49 -23.74
N SER A 105 -17.53 18.86 -24.69
CA SER A 105 -18.95 19.03 -24.87
C SER A 105 -19.65 17.70 -25.18
N PHE A 106 -19.71 17.35 -26.45
CA PHE A 106 -20.47 16.19 -26.92
C PHE A 106 -19.62 15.13 -27.63
N TYR A 107 -18.47 14.85 -27.06
CA TYR A 107 -17.52 13.90 -27.62
C TYR A 107 -17.11 12.87 -26.60
N TYR A 108 -16.56 11.76 -27.08
CA TYR A 108 -16.06 10.71 -26.20
C TYR A 108 -14.72 11.08 -25.55
N TYR A 109 -14.72 12.14 -24.79
CA TYR A 109 -13.54 12.66 -24.15
C TYR A 109 -13.62 12.48 -22.67
N TYR A 110 -12.80 11.57 -22.13
CA TYR A 110 -12.92 11.25 -20.73
C TYR A 110 -11.62 11.18 -19.95
N TYR A 111 -11.72 11.51 -18.65
CA TYR A 111 -10.63 11.31 -17.67
C TYR A 111 -11.17 10.97 -16.28
N MET A 112 -10.36 10.27 -15.46
CA MET A 112 -10.81 9.84 -14.13
C MET A 112 -10.44 10.84 -13.04
N ASP A 113 -11.41 11.72 -12.78
CA ASP A 113 -11.26 12.90 -11.96
C ASP A 113 -11.01 12.58 -10.48
N VAL A 114 -11.91 11.80 -9.87
CA VAL A 114 -11.79 11.47 -8.46
C VAL A 114 -11.64 9.97 -8.26
N TRP A 115 -10.67 9.57 -7.45
CA TRP A 115 -10.42 8.17 -7.14
C TRP A 115 -10.77 7.84 -5.71
N GLY A 116 -11.11 6.58 -5.47
CA GLY A 116 -11.41 6.06 -4.17
C GLY A 116 -10.15 5.82 -3.37
N LYS A 117 -10.20 4.87 -2.48
CA LYS A 117 -9.10 4.65 -1.58
C LYS A 117 -8.49 3.28 -1.79
N GLY A 118 -9.32 2.41 -2.33
CA GLY A 118 -8.97 1.02 -2.54
C GLY A 118 -9.51 0.12 -1.45
N SER A 119 -10.19 -0.94 -1.86
CA SER A 119 -10.74 -1.93 -0.95
C SER A 119 -10.12 -3.26 -1.28
N THR A 120 -9.33 -3.79 -0.36
CA THR A 120 -8.65 -5.03 -0.67
C THR A 120 -9.61 -6.17 -0.48
N VAL A 121 -9.75 -6.99 -1.51
CA VAL A 121 -10.63 -8.14 -1.46
C VAL A 121 -9.90 -9.41 -1.80
N THR A 122 -10.01 -10.39 -0.91
CA THR A 122 -9.40 -11.69 -1.10
C THR A 122 -10.45 -12.75 -1.40
N VAL A 123 -10.17 -13.61 -2.40
CA VAL A 123 -11.13 -14.68 -2.66
C VAL A 123 -10.51 -15.95 -2.08
N SER A 124 -11.21 -16.60 -1.14
CA SER A 124 -10.65 -17.77 -0.45
C SER A 124 -11.68 -18.62 0.24
N SER A 125 -11.39 -19.91 0.36
CA SER A 125 -12.26 -20.82 1.11
C SER A 125 -12.13 -20.67 2.65
N ALA A 126 -11.06 -19.99 3.10
CA ALA A 126 -10.75 -19.84 4.54
C ALA A 126 -11.61 -18.78 5.30
N SER A 127 -11.60 -18.92 6.64
CA SER A 127 -12.29 -18.04 7.62
C SER A 127 -11.66 -16.65 7.84
N THR A 128 -12.46 -15.74 8.43
CA THR A 128 -12.01 -14.37 8.77
C THR A 128 -11.19 -14.31 10.06
N LYS A 129 -10.01 -14.90 10.04
CA LYS A 129 -9.15 -14.91 11.22
C LYS A 129 -8.65 -13.49 11.60
N GLY A 130 -8.99 -13.01 12.80
CA GLY A 130 -8.54 -11.69 13.20
C GLY A 130 -7.15 -11.79 13.84
N PRO A 131 -6.41 -10.68 13.92
CA PRO A 131 -5.10 -10.54 14.54
C PRO A 131 -5.08 -10.47 16.05
N SER A 132 -3.91 -10.75 16.60
CA SER A 132 -3.60 -10.46 18.00
C SER A 132 -2.50 -9.40 17.94
N VAL A 133 -2.50 -8.45 18.86
CA VAL A 133 -1.48 -7.40 18.80
C VAL A 133 -0.69 -7.33 20.09
N PHE A 134 0.63 -7.32 19.98
CA PHE A 134 1.44 -7.30 21.17
C PHE A 134 2.38 -6.10 21.15
N PRO A 135 2.67 -5.45 22.27
CA PRO A 135 3.64 -4.36 22.34
C PRO A 135 5.09 -4.88 22.18
N LEU A 136 5.95 -4.04 21.60
CA LEU A 136 7.40 -4.25 21.51
C LEU A 136 8.12 -3.15 22.32
N ALA A 137 8.54 -3.49 23.55
CA ALA A 137 9.10 -2.48 24.45
C ALA A 137 10.64 -2.32 24.37
N PRO A 138 11.16 -1.07 24.39
CA PRO A 138 12.57 -0.71 24.49
C PRO A 138 13.05 -0.82 25.93
N SER A 139 14.35 -0.66 26.13
CA SER A 139 14.88 -0.61 27.50
C SER A 139 16.18 0.17 27.54
N GLY A 146 19.73 10.04 24.38
CA GLY A 146 19.80 9.36 23.10
C GLY A 146 18.42 9.19 22.46
N THR A 147 18.38 8.39 21.39
CA THR A 147 17.18 8.09 20.61
C THR A 147 16.74 6.65 20.84
N ALA A 148 15.43 6.46 21.02
CA ALA A 148 14.82 5.17 21.28
C ALA A 148 13.79 4.81 20.19
N ALA A 149 13.29 3.57 20.23
CA ALA A 149 12.24 3.20 19.29
C ALA A 149 11.31 2.24 19.98
N LEU A 150 10.05 2.24 19.56
CA LEU A 150 9.06 1.33 20.15
C LEU A 150 8.02 0.91 19.12
N GLY A 151 7.27 -0.16 19.39
CA GLY A 151 6.26 -0.52 18.40
C GLY A 151 5.27 -1.62 18.79
N CYS A 152 4.50 -2.06 17.80
CA CYS A 152 3.51 -3.11 17.96
C CYS A 152 3.69 -4.20 16.93
N LEU A 153 3.51 -5.42 17.37
CA LEU A 153 3.55 -6.59 16.53
C LEU A 153 2.13 -7.08 16.29
N VAL A 154 1.73 -7.14 15.03
CA VAL A 154 0.39 -7.57 14.66
C VAL A 154 0.55 -8.99 14.07
N LYS A 155 -0.11 -9.97 14.68
CA LYS A 155 0.20 -11.33 14.28
C LYS A 155 -0.99 -12.28 14.11
N ASP A 156 -0.83 -13.19 13.14
CA ASP A 156 -1.75 -14.29 12.82
C ASP A 156 -3.15 -13.91 12.32
N TYR A 157 -3.23 -13.33 11.13
CA TYR A 157 -4.54 -12.97 10.58
C TYR A 157 -4.73 -13.29 9.09
N PHE A 158 -6.01 -13.35 8.67
CA PHE A 158 -6.36 -13.60 7.27
C PHE A 158 -7.79 -13.19 6.94
N PRO A 159 -8.03 -12.50 5.82
CA PRO A 159 -7.16 -11.99 4.76
C PRO A 159 -6.44 -10.76 5.25
N GLU A 160 -5.79 -10.00 4.35
CA GLU A 160 -5.07 -8.81 4.81
C GLU A 160 -5.43 -7.37 4.44
N PRO A 161 -6.65 -6.90 4.70
CA PRO A 161 -7.05 -5.50 4.70
C PRO A 161 -6.77 -4.85 6.09
N VAL A 162 -5.51 -4.65 6.58
CA VAL A 162 -5.45 -4.05 7.95
C VAL A 162 -4.91 -2.62 7.99
N THR A 163 -5.36 -1.87 9.00
CA THR A 163 -4.94 -0.49 9.24
C THR A 163 -4.32 -0.32 10.60
N VAL A 164 -3.18 0.35 10.64
CA VAL A 164 -2.49 0.63 11.87
C VAL A 164 -2.21 2.12 11.99
N SER A 165 -2.53 2.70 13.14
CA SER A 165 -2.25 4.11 13.39
C SER A 165 -1.77 4.31 14.81
N TRP A 166 -1.15 5.47 15.09
CA TRP A 166 -0.69 5.74 16.45
C TRP A 166 -1.32 6.97 17.07
N ASN A 167 -1.68 6.82 18.34
CA ASN A 167 -2.32 7.87 19.11
C ASN A 167 -3.50 8.48 18.36
N SER A 168 -4.30 7.61 17.73
CA SER A 168 -5.49 7.95 16.95
C SER A 168 -5.23 8.97 15.85
N GLY A 169 -4.03 8.91 15.24
CA GLY A 169 -3.66 9.79 14.13
C GLY A 169 -2.80 10.98 14.60
N ALA A 170 -2.75 11.21 15.91
CA ALA A 170 -1.94 12.29 16.46
C ALA A 170 -0.46 12.10 16.16
N LEU A 171 -0.01 10.85 16.17
CA LEU A 171 1.41 10.57 15.96
C LEU A 171 1.67 10.18 14.52
N THR A 172 2.43 11.03 13.85
CA THR A 172 2.71 10.91 12.43
C THR A 172 4.20 10.79 12.16
N SER A 173 4.90 11.90 12.35
CA SER A 173 6.33 11.93 12.12
C SER A 173 7.01 10.85 12.96
N GLY A 174 7.97 10.16 12.34
CA GLY A 174 8.74 9.10 12.99
C GLY A 174 8.08 7.73 12.88
N VAL A 175 6.85 7.66 12.35
CA VAL A 175 6.12 6.39 12.25
C VAL A 175 6.26 5.68 10.90
N HIS A 176 6.55 4.38 10.96
CA HIS A 176 6.60 3.53 9.77
C HIS A 176 5.88 2.21 10.01
N THR A 177 5.28 1.67 8.96
CA THR A 177 4.69 0.35 9.10
C THR A 177 5.32 -0.52 8.05
N PHE A 178 5.20 -1.80 8.24
CA PHE A 178 5.74 -2.74 7.30
C PHE A 178 4.64 -3.43 6.52
N PRO A 179 4.88 -3.85 5.28
CA PRO A 179 3.96 -4.59 4.48
C PRO A 179 3.73 -5.93 5.11
N ALA A 180 2.59 -6.53 4.82
CA ALA A 180 2.27 -7.82 5.36
C ALA A 180 3.26 -8.90 4.97
N VAL A 181 3.56 -9.75 5.94
CA VAL A 181 4.42 -10.90 5.80
C VAL A 181 3.62 -12.17 5.81
N LEU A 182 3.83 -13.02 4.82
CA LEU A 182 3.10 -14.28 4.85
C LEU A 182 3.90 -15.32 5.61
N GLN A 183 3.31 -15.82 6.68
CA GLN A 183 3.98 -16.77 7.51
C GLN A 183 3.78 -18.15 6.92
N SER A 184 4.62 -19.10 7.30
CA SER A 184 4.48 -20.49 6.81
C SER A 184 3.14 -21.12 7.24
N SER A 185 2.53 -20.56 8.27
CA SER A 185 1.23 -20.97 8.79
C SER A 185 0.08 -20.66 7.83
N GLY A 186 0.33 -19.79 6.86
CA GLY A 186 -0.69 -19.37 5.93
C GLY A 186 -1.36 -18.09 6.37
N LEU A 187 -1.00 -17.61 7.55
CA LEU A 187 -1.55 -16.37 8.09
C LEU A 187 -0.56 -15.21 7.94
N TYR A 188 -1.08 -13.99 8.00
CA TYR A 188 -0.24 -12.81 7.86
C TYR A 188 0.29 -12.26 9.19
N SER A 189 1.48 -11.64 9.09
CA SER A 189 2.13 -10.89 10.18
C SER A 189 2.52 -9.47 9.71
N LEU A 190 2.37 -8.51 10.58
CA LEU A 190 2.65 -7.13 10.26
C LEU A 190 3.15 -6.39 11.48
N SER A 191 4.04 -5.46 11.29
CA SER A 191 4.47 -4.72 12.46
C SER A 191 4.57 -3.21 12.16
N SER A 192 4.53 -2.42 13.25
CA SER A 192 4.61 -0.97 13.17
C SER A 192 5.45 -0.36 14.26
N VAL A 193 6.32 0.54 13.88
CA VAL A 193 7.23 1.14 14.81
C VAL A 193 7.27 2.66 14.73
N VAL A 194 7.77 3.27 15.81
CA VAL A 194 7.99 4.70 15.81
C VAL A 194 9.29 5.09 16.51
N THR A 195 10.01 6.03 15.89
CA THR A 195 11.25 6.54 16.46
C THR A 195 10.91 7.67 17.43
N VAL A 196 11.39 7.55 18.66
CA VAL A 196 11.08 8.55 19.67
C VAL A 196 12.37 8.93 20.42
N PRO A 197 12.52 10.14 20.97
CA PRO A 197 13.66 10.50 21.79
C PRO A 197 13.56 9.75 23.11
N SER A 198 14.70 9.43 23.73
CA SER A 198 14.69 8.79 25.05
C SER A 198 14.08 9.71 26.13
N SER A 199 14.00 11.01 25.82
CA SER A 199 13.37 12.00 26.68
C SER A 199 11.86 11.75 26.78
N SER A 200 11.22 11.32 25.69
CA SER A 200 9.79 11.13 25.73
C SER A 200 9.48 9.71 26.19
N LEU A 201 10.45 8.81 26.02
CA LEU A 201 10.20 7.43 26.39
C LEU A 201 9.93 7.33 27.90
N GLY A 202 8.80 6.73 28.27
CA GLY A 202 8.42 6.57 29.68
C GLY A 202 7.75 7.81 30.29
N THR A 203 7.61 8.87 29.48
CA THR A 203 7.01 10.14 29.87
C THR A 203 5.74 10.28 29.03
N GLN A 204 5.92 10.18 27.73
CA GLN A 204 4.87 10.21 26.74
C GLN A 204 4.38 8.78 26.49
N THR A 205 3.06 8.61 26.47
CA THR A 205 2.50 7.31 26.16
C THR A 205 2.40 7.10 24.65
N TYR A 206 2.59 5.85 24.24
CA TYR A 206 2.47 5.48 22.84
C TYR A 206 1.52 4.31 22.64
N ILE A 207 0.40 4.58 21.96
CA ILE A 207 -0.63 3.57 21.73
C ILE A 207 -0.91 3.27 20.26
N CYS A 208 -0.84 1.98 19.89
CA CYS A 208 -1.14 1.65 18.51
C CYS A 208 -2.59 1.23 18.42
N ASN A 209 -3.22 1.63 17.33
CA ASN A 209 -4.63 1.40 17.06
C ASN A 209 -4.68 0.47 15.87
N VAL A 210 -5.15 -0.75 16.05
CA VAL A 210 -5.10 -1.72 14.95
C VAL A 210 -6.49 -2.23 14.57
N ASN A 211 -6.76 -2.26 13.25
CA ASN A 211 -8.07 -2.69 12.73
C ASN A 211 -8.00 -3.78 11.62
N HIS A 212 -8.96 -4.72 11.69
CA HIS A 212 -9.15 -5.77 10.65
C HIS A 212 -10.65 -5.92 10.34
N LYS A 213 -11.07 -5.34 9.22
CA LYS A 213 -12.48 -5.32 8.83
C LYS A 213 -13.22 -6.65 8.82
N PRO A 214 -12.87 -7.67 8.00
CA PRO A 214 -13.57 -8.94 7.93
C PRO A 214 -13.79 -9.67 9.28
N SER A 215 -12.81 -9.58 10.20
CA SER A 215 -12.99 -10.21 11.51
C SER A 215 -13.68 -9.30 12.53
N ASN A 216 -13.94 -8.07 12.15
CA ASN A 216 -14.50 -7.07 13.05
C ASN A 216 -13.65 -6.90 14.31
N THR A 217 -12.33 -6.89 14.13
CA THR A 217 -11.40 -6.73 15.23
C THR A 217 -10.88 -5.29 15.32
N LYS A 218 -11.03 -4.69 16.50
CA LYS A 218 -10.53 -3.35 16.78
C LYS A 218 -9.85 -3.37 18.13
N VAL A 219 -8.53 -3.17 18.14
CA VAL A 219 -7.79 -3.23 19.39
C VAL A 219 -6.90 -2.02 19.59
N ASP A 220 -6.50 -1.80 20.83
CA ASP A 220 -5.59 -0.71 21.17
C ASP A 220 -4.53 -1.21 22.16
N LYS A 221 -3.26 -0.99 21.87
CA LYS A 221 -2.19 -1.46 22.77
C LYS A 221 -1.19 -0.37 23.10
N LYS A 222 -0.92 -0.22 24.38
CA LYS A 222 0.04 0.78 24.83
C LYS A 222 1.39 0.12 25.01
N VAL A 223 2.40 0.76 24.45
CA VAL A 223 3.74 0.23 24.51
C VAL A 223 4.56 1.04 25.53
N GLU A 224 5.08 0.35 26.54
CA GLU A 224 5.84 1.00 27.60
C GLU A 224 7.22 0.37 27.69
N PRO A 225 8.26 1.12 28.09
CA PRO A 225 9.62 0.65 28.28
C PRO A 225 9.83 -0.24 29.50
N LYS A 226 10.91 -1.03 29.46
CA LYS A 226 11.33 -1.79 30.63
C LYS A 226 12.45 -1.03 31.37
N GLN B 3 -4.23 -3.77 -24.89
CA GLN B 3 -2.94 -4.05 -25.54
C GLN B 3 -2.01 -2.84 -25.57
N MET B 4 -1.94 -2.12 -24.45
CA MET B 4 -1.07 -0.95 -24.27
C MET B 4 0.25 -1.39 -23.66
N THR B 5 1.29 -0.57 -23.82
CA THR B 5 2.56 -0.88 -23.18
C THR B 5 3.31 0.36 -22.74
N GLN B 6 4.11 0.23 -21.69
CA GLN B 6 4.93 1.33 -21.21
C GLN B 6 6.37 0.92 -21.13
N SER B 7 7.24 1.91 -21.16
CA SER B 7 8.66 1.65 -21.04
C SER B 7 9.37 2.86 -20.44
N PRO B 8 10.30 2.63 -19.51
CA PRO B 8 10.79 1.40 -18.92
C PRO B 8 9.77 0.90 -17.94
N SER B 9 9.89 -0.36 -17.48
CA SER B 9 9.01 -0.82 -16.42
C SER B 9 9.29 -0.09 -15.10
N SER B 10 10.53 0.39 -14.95
CA SER B 10 10.92 1.14 -13.77
C SER B 10 12.21 1.91 -13.99
N LEU B 11 12.45 2.92 -13.16
CA LEU B 11 13.72 3.65 -13.17
C LEU B 11 14.01 4.30 -11.81
N SER B 12 15.30 4.56 -11.54
CA SER B 12 15.72 5.30 -10.35
C SER B 12 16.41 6.60 -10.75
N ALA B 13 16.22 7.64 -9.96
CA ALA B 13 16.88 8.92 -10.24
C ALA B 13 17.10 9.65 -8.95
N SER B 14 18.00 10.63 -8.92
CA SER B 14 18.23 11.34 -7.66
C SER B 14 17.32 12.57 -7.56
N VAL B 15 17.24 13.14 -6.38
CA VAL B 15 16.37 14.29 -6.24
C VAL B 15 16.93 15.44 -7.06
N GLY B 16 16.05 16.06 -7.84
CA GLY B 16 16.35 17.17 -8.74
C GLY B 16 16.54 16.73 -10.18
N ASP B 17 16.73 15.41 -10.41
CA ASP B 17 16.90 14.87 -11.76
C ASP B 17 15.65 15.02 -12.62
N ARG B 18 15.86 15.19 -13.92
CA ARG B 18 14.72 15.23 -14.83
C ARG B 18 14.49 13.83 -15.33
N VAL B 19 13.26 13.34 -15.23
CA VAL B 19 13.00 11.97 -15.68
C VAL B 19 11.86 11.90 -16.68
N THR B 20 11.96 10.93 -17.61
CA THR B 20 10.93 10.70 -18.61
C THR B 20 10.60 9.22 -18.78
N ILE B 21 9.31 8.91 -18.87
CA ILE B 21 8.85 7.54 -19.15
C ILE B 21 7.97 7.61 -20.39
N THR B 22 7.76 6.47 -21.03
CA THR B 22 6.96 6.47 -22.25
C THR B 22 5.77 5.54 -22.21
N CYS B 23 4.87 5.76 -23.16
CA CYS B 23 3.67 4.95 -23.36
C CYS B 23 3.30 4.78 -24.82
N GLN B 24 2.97 3.55 -25.18
CA GLN B 24 2.49 3.30 -26.52
C GLN B 24 1.05 2.80 -26.45
N ALA B 25 0.18 3.51 -27.18
CA ALA B 25 -1.25 3.25 -27.24
C ALA B 25 -1.52 1.96 -27.97
N SER B 26 -2.65 1.33 -27.69
CA SER B 26 -3.00 0.09 -28.40
C SER B 26 -3.36 0.35 -29.87
N GLN B 27 -3.73 1.60 -30.17
CA GLN B 27 -4.14 2.05 -31.51
C GLN B 27 -3.95 3.55 -31.59
N VAL B 28 -4.02 4.12 -32.78
CA VAL B 28 -3.91 5.56 -32.85
C VAL B 28 -5.00 6.18 -32.02
N ILE B 29 -4.61 7.10 -31.15
CA ILE B 29 -5.57 7.74 -30.26
C ILE B 29 -6.49 8.67 -31.03
N SER B 30 -7.78 8.52 -30.79
CA SER B 30 -8.79 9.34 -31.43
C SER B 30 -9.53 10.11 -30.35
N ASN B 31 -9.35 9.66 -29.10
CA ASN B 31 -10.02 10.29 -27.98
C ASN B 31 -8.99 10.72 -26.95
N TYR B 32 -9.37 10.86 -25.70
CA TYR B 32 -8.39 11.25 -24.70
C TYR B 32 -7.40 10.16 -24.32
N LEU B 33 -6.20 10.62 -23.95
CA LEU B 33 -5.16 9.82 -23.31
C LEU B 33 -4.66 10.60 -22.09
N ASN B 34 -4.59 9.94 -20.95
CA ASN B 34 -4.32 10.59 -19.67
C ASN B 34 -3.21 9.90 -18.86
N TRP B 35 -2.70 10.59 -17.82
CA TRP B 35 -1.73 9.96 -16.91
C TRP B 35 -2.12 10.11 -15.41
N TYR B 36 -1.87 8.99 -14.66
CA TYR B 36 -2.18 8.89 -13.21
C TYR B 36 -0.95 8.53 -12.37
N GLN B 37 -0.93 9.03 -11.14
CA GLN B 37 0.13 8.77 -10.16
C GLN B 37 -0.36 7.92 -9.03
N GLN B 38 0.29 6.79 -8.78
CA GLN B 38 -0.12 5.94 -7.69
C GLN B 38 0.91 5.94 -6.59
N LYS B 39 0.56 6.56 -5.48
CA LYS B 39 1.50 6.67 -4.37
C LYS B 39 1.61 5.28 -3.76
N PRO B 40 2.72 4.92 -3.12
CA PRO B 40 2.87 3.65 -2.47
C PRO B 40 1.70 3.37 -1.52
N GLY B 41 0.91 2.35 -1.87
CA GLY B 41 -0.23 1.91 -1.06
C GLY B 41 -1.51 2.73 -1.21
N LYS B 42 -1.51 3.72 -2.11
CA LYS B 42 -2.68 4.58 -2.26
C LYS B 42 -3.36 4.39 -3.61
N ALA B 43 -4.58 4.92 -3.74
CA ALA B 43 -5.25 4.85 -5.03
C ALA B 43 -4.55 5.77 -6.05
N PRO B 44 -4.52 5.43 -7.33
CA PRO B 44 -4.03 6.27 -8.39
C PRO B 44 -4.73 7.62 -8.39
N LYS B 45 -4.01 8.68 -8.76
CA LYS B 45 -4.58 10.03 -8.87
C LYS B 45 -4.24 10.69 -10.19
N LEU B 46 -5.21 11.31 -10.82
CA LEU B 46 -4.98 11.99 -12.11
C LEU B 46 -4.04 13.19 -11.99
N LEU B 47 -3.03 13.23 -12.87
CA LEU B 47 -2.18 14.40 -12.93
C LEU B 47 -2.36 15.12 -14.25
N ILE B 48 -2.41 14.33 -15.34
CA ILE B 48 -2.46 14.86 -16.72
C ILE B 48 -3.59 14.33 -17.56
N TYR B 49 -4.28 15.21 -18.28
CA TYR B 49 -5.33 14.74 -19.16
C TYR B 49 -5.23 15.33 -20.57
N ASP B 50 -5.84 14.65 -21.53
CA ASP B 50 -5.80 15.07 -22.94
C ASP B 50 -4.33 15.26 -23.39
N THR B 51 -3.49 14.29 -23.00
CA THR B 51 -2.04 14.16 -23.27
C THR B 51 -1.14 15.19 -22.60
N SER B 52 -1.67 16.34 -22.15
CA SER B 52 -0.78 17.36 -21.57
C SER B 52 -1.38 18.36 -20.55
N ASN B 53 -2.69 18.36 -20.31
CA ASN B 53 -3.29 19.38 -19.43
C ASN B 53 -3.20 18.98 -17.94
N LEU B 54 -2.77 19.89 -17.05
CA LEU B 54 -2.69 19.46 -15.65
C LEU B 54 -3.99 19.64 -14.87
N LYS B 55 -4.20 18.71 -13.97
CA LYS B 55 -5.26 18.81 -13.00
C LYS B 55 -4.95 19.97 -12.06
N THR B 56 -5.97 20.70 -11.69
CA THR B 56 -5.79 21.80 -10.76
C THR B 56 -5.11 21.28 -9.48
N GLY B 57 -4.06 21.98 -9.06
CA GLY B 57 -3.32 21.61 -7.85
C GLY B 57 -2.06 20.79 -8.13
N VAL B 58 -1.90 20.31 -9.36
CA VAL B 58 -0.73 19.54 -9.72
C VAL B 58 0.47 20.45 -9.93
N PRO B 59 1.63 20.19 -9.26
CA PRO B 59 2.83 20.99 -9.38
C PRO B 59 3.25 21.15 -10.84
N SER B 60 3.76 22.33 -11.16
CA SER B 60 4.17 22.70 -12.52
C SER B 60 5.28 21.83 -13.11
N ARG B 61 5.98 21.06 -12.27
CA ARG B 61 7.03 20.16 -12.74
C ARG B 61 6.49 18.97 -13.58
N PHE B 62 5.18 18.71 -13.53
CA PHE B 62 4.67 17.57 -14.31
C PHE B 62 4.24 18.00 -15.72
N SER B 63 4.56 17.16 -16.71
CA SER B 63 4.18 17.46 -18.10
C SER B 63 3.99 16.22 -18.98
N GLY B 64 3.05 16.29 -19.93
CA GLY B 64 2.87 15.17 -20.86
C GLY B 64 3.03 15.61 -22.29
N SER B 65 3.23 14.65 -23.19
CA SER B 65 3.35 14.96 -24.61
C SER B 65 3.10 13.76 -25.53
N GLY B 66 3.37 13.99 -26.83
CA GLY B 66 3.26 13.01 -27.91
C GLY B 66 1.98 13.03 -28.71
N SER B 67 1.88 12.07 -29.63
CA SER B 67 0.78 12.00 -30.59
C SER B 67 0.66 10.61 -31.25
N GLY B 68 -0.46 10.36 -31.93
CA GLY B 68 -0.61 9.09 -32.65
C GLY B 68 -0.72 7.95 -31.65
N THR B 69 0.32 7.14 -31.58
CA THR B 69 0.36 6.04 -30.64
C THR B 69 1.44 6.26 -29.59
N ASP B 70 2.33 7.24 -29.81
CA ASP B 70 3.49 7.39 -28.94
C ASP B 70 3.41 8.64 -28.04
N PHE B 71 3.28 8.39 -26.72
CA PHE B 71 3.08 9.46 -25.74
C PHE B 71 4.10 9.39 -24.60
N THR B 72 4.35 10.54 -23.97
CA THR B 72 5.30 10.58 -22.85
C THR B 72 4.79 11.30 -21.60
N PHE B 73 5.55 11.09 -20.51
CA PHE B 73 5.34 11.72 -19.20
C PHE B 73 6.70 12.14 -18.62
N THR B 74 6.80 13.41 -18.25
CA THR B 74 8.04 13.99 -17.73
C THR B 74 7.89 14.72 -16.40
N ILE B 75 8.88 14.51 -15.52
CA ILE B 75 8.95 15.29 -14.27
C ILE B 75 10.19 16.14 -14.43
N SER B 76 10.00 17.46 -14.49
CA SER B 76 11.08 18.38 -14.80
C SER B 76 12.24 18.33 -13.81
N SER B 77 11.91 18.17 -12.53
CA SER B 77 12.88 18.09 -11.44
C SER B 77 12.27 17.21 -10.36
N LEU B 78 12.70 15.95 -10.31
CA LEU B 78 12.13 14.93 -9.44
C LEU B 78 12.26 15.22 -7.95
N GLN B 79 11.15 15.14 -7.22
CA GLN B 79 11.18 15.38 -5.77
C GLN B 79 11.04 14.02 -5.06
N PRO B 80 11.44 13.84 -3.78
CA PRO B 80 11.26 12.57 -3.09
C PRO B 80 9.77 12.23 -2.92
N GLU B 81 8.93 13.25 -2.94
CA GLU B 81 7.50 13.07 -2.83
C GLU B 81 6.90 12.47 -4.11
N ASP B 82 7.71 12.37 -5.17
CA ASP B 82 7.27 11.86 -6.46
C ASP B 82 7.47 10.33 -6.59
N ILE B 83 7.92 9.66 -5.52
CA ILE B 83 8.08 8.19 -5.58
C ILE B 83 6.67 7.62 -5.78
N ALA B 84 6.48 6.94 -6.91
CA ALA B 84 5.14 6.47 -7.31
C ALA B 84 5.19 5.59 -8.55
N THR B 85 4.08 4.97 -8.86
CA THR B 85 3.95 4.29 -10.14
C THR B 85 3.13 5.19 -11.05
N TYR B 86 3.60 5.39 -12.28
CA TYR B 86 2.83 6.26 -13.19
C TYR B 86 2.16 5.41 -14.27
N TYR B 87 0.89 5.72 -14.56
CA TYR B 87 0.14 4.94 -15.55
C TYR B 87 -0.42 5.76 -16.68
N CYS B 88 -0.32 5.17 -17.86
CA CYS B 88 -0.84 5.70 -19.11
C CYS B 88 -2.22 5.10 -19.37
N GLN B 89 -3.19 5.94 -19.64
CA GLN B 89 -4.56 5.47 -19.88
C GLN B 89 -5.21 6.06 -21.12
N GLN B 90 -5.99 5.23 -21.84
CA GLN B 90 -6.68 5.70 -23.05
C GLN B 90 -8.15 5.27 -23.06
N TYR B 91 -8.98 6.00 -23.81
CA TYR B 91 -10.38 5.53 -24.03
C TYR B 91 -10.63 5.29 -25.51
N GLU B 92 -10.75 4.02 -25.88
CA GLU B 92 -10.87 3.66 -27.28
C GLU B 92 -11.81 2.45 -27.47
N ASN B 93 -12.50 2.38 -28.60
CA ASN B 93 -13.38 1.24 -28.92
C ASN B 93 -14.42 1.02 -27.82
N LEU B 94 -14.88 2.14 -27.27
CA LEU B 94 -15.83 2.21 -26.16
C LEU B 94 -15.35 1.55 -24.85
N GLN B 95 -14.02 1.44 -24.66
CA GLN B 95 -13.42 0.84 -23.46
C GLN B 95 -12.31 1.68 -22.84
N PHE B 96 -12.09 1.53 -21.54
CA PHE B 96 -10.95 2.20 -20.92
C PHE B 96 -9.85 1.17 -20.74
N THR B 97 -8.63 1.55 -21.08
CA THR B 97 -7.48 0.66 -20.97
C THR B 97 -6.29 1.35 -20.30
N PHE B 98 -5.61 0.63 -19.41
CA PHE B 98 -4.41 1.16 -18.75
C PHE B 98 -3.18 0.39 -19.19
N GLY B 99 -2.03 1.04 -19.21
CA GLY B 99 -0.80 0.34 -19.50
C GLY B 99 -0.31 -0.34 -18.23
N PRO B 100 0.78 -1.14 -18.29
CA PRO B 100 1.43 -1.84 -17.20
C PRO B 100 1.84 -0.96 -16.02
N GLY B 101 2.15 0.29 -16.30
CA GLY B 101 2.60 1.22 -15.30
C GLY B 101 4.14 1.23 -15.24
N THR B 102 4.71 2.37 -14.90
CA THR B 102 6.16 2.50 -14.73
C THR B 102 6.50 2.94 -13.33
N LYS B 103 7.40 2.23 -12.65
CA LYS B 103 7.73 2.64 -11.30
C LYS B 103 8.91 3.59 -11.24
N VAL B 104 8.71 4.69 -10.55
CA VAL B 104 9.75 5.68 -10.39
C VAL B 104 10.12 5.86 -8.93
N ASP B 105 11.42 5.76 -8.63
CA ASP B 105 11.85 5.93 -7.24
C ASP B 105 13.17 6.74 -7.10
N ILE B 106 13.69 6.85 -5.87
CA ILE B 106 14.87 7.71 -5.64
C ILE B 106 16.17 7.02 -5.26
N LYS B 107 17.25 7.39 -5.95
CA LYS B 107 18.55 6.91 -5.51
C LYS B 107 19.10 8.04 -4.65
N ARG B 108 19.88 7.70 -3.64
CA ARG B 108 20.45 8.70 -2.74
C ARG B 108 21.71 8.12 -2.14
N THR B 109 22.44 8.90 -1.38
CA THR B 109 23.69 8.34 -0.87
C THR B 109 23.43 7.40 0.27
N VAL B 110 24.47 6.65 0.62
CA VAL B 110 24.40 5.76 1.76
C VAL B 110 24.07 6.46 3.07
N ALA B 111 23.40 5.71 3.93
CA ALA B 111 23.04 6.16 5.26
C ALA B 111 23.08 4.96 6.20
N ALA B 112 23.71 5.13 7.37
CA ALA B 112 23.80 4.02 8.30
C ALA B 112 22.45 3.85 9.01
N PRO B 113 22.00 2.62 9.32
CA PRO B 113 20.78 2.33 10.06
C PRO B 113 20.91 2.65 11.52
N SER B 114 19.77 2.97 12.13
CA SER B 114 19.69 3.00 13.58
C SER B 114 19.23 1.58 13.93
N VAL B 115 19.76 0.94 14.99
CA VAL B 115 19.33 -0.46 15.23
C VAL B 115 18.77 -0.68 16.65
N PHE B 116 17.62 -1.34 16.72
CA PHE B 116 16.96 -1.63 18.00
C PHE B 116 16.59 -3.10 18.10
N ILE B 117 16.48 -3.62 19.32
CA ILE B 117 16.03 -4.99 19.50
C ILE B 117 14.95 -5.02 20.57
N PHE B 118 13.88 -5.80 20.33
CA PHE B 118 12.79 -5.87 21.30
C PHE B 118 12.48 -7.32 21.73
N PRO B 119 12.16 -7.56 23.00
CA PRO B 119 11.72 -8.82 23.53
C PRO B 119 10.22 -9.01 23.21
N PRO B 120 9.69 -10.23 23.28
CA PRO B 120 8.27 -10.54 23.20
C PRO B 120 7.58 -10.01 24.45
N SER B 121 6.32 -9.62 24.33
CA SER B 121 5.57 -9.17 25.51
C SER B 121 5.11 -10.34 26.36
N ASP B 122 4.75 -10.08 27.61
CA ASP B 122 4.18 -11.14 28.44
C ASP B 122 2.88 -11.66 27.82
N GLU B 123 2.14 -10.75 27.20
CA GLU B 123 0.87 -11.09 26.57
C GLU B 123 1.07 -12.09 25.45
N GLN B 124 2.21 -11.99 24.74
CA GLN B 124 2.48 -12.97 23.70
C GLN B 124 2.99 -14.26 24.31
N LEU B 125 3.80 -14.18 25.36
CA LEU B 125 4.32 -15.40 25.97
C LEU B 125 3.16 -16.27 26.50
N LYS B 126 2.08 -15.65 26.95
CA LYS B 126 0.91 -16.39 27.40
C LYS B 126 0.29 -17.27 26.29
N SER B 127 0.58 -16.98 25.01
CA SER B 127 0.07 -17.75 23.87
C SER B 127 0.84 -19.04 23.65
N GLY B 128 1.97 -19.17 24.34
CA GLY B 128 2.85 -20.32 24.13
C GLY B 128 3.97 -20.03 23.10
N THR B 129 3.90 -18.89 22.40
CA THR B 129 4.91 -18.52 21.41
C THR B 129 5.73 -17.31 21.85
N ALA B 130 6.85 -17.06 21.15
CA ALA B 130 7.66 -15.89 21.42
C ALA B 130 8.24 -15.30 20.13
N SER B 131 8.09 -13.98 19.96
CA SER B 131 8.64 -13.30 18.80
C SER B 131 9.61 -12.21 19.24
N VAL B 132 10.85 -12.36 18.84
CA VAL B 132 11.90 -11.42 19.20
C VAL B 132 12.07 -10.53 17.97
N VAL B 133 12.03 -9.21 18.13
CA VAL B 133 12.04 -8.34 16.95
C VAL B 133 13.24 -7.42 16.83
N CYS B 134 13.86 -7.41 15.66
CA CYS B 134 14.98 -6.53 15.38
C CYS B 134 14.60 -5.47 14.37
N LEU B 135 14.91 -4.22 14.68
CA LEU B 135 14.57 -3.09 13.83
C LEU B 135 15.74 -2.27 13.34
N LEU B 136 15.83 -2.10 12.02
CA LEU B 136 16.82 -1.25 11.41
C LEU B 136 16.04 -0.03 10.89
N ASN B 137 16.44 1.18 11.24
CA ASN B 137 15.63 2.32 10.83
C ASN B 137 16.40 3.39 10.07
N ASN B 138 15.76 3.90 9.01
CA ASN B 138 16.26 4.98 8.18
C ASN B 138 17.65 4.83 7.56
N PHE B 139 17.78 3.89 6.63
CA PHE B 139 19.06 3.64 5.99
C PHE B 139 18.99 3.50 4.50
N TYR B 140 20.15 3.58 3.86
CA TYR B 140 20.20 3.44 2.41
C TYR B 140 21.55 2.82 2.05
N PRO B 141 21.62 1.87 1.11
CA PRO B 141 20.61 1.22 0.27
C PRO B 141 19.75 0.26 1.02
N ARG B 142 18.69 -0.15 0.35
CA ARG B 142 17.74 -1.13 0.87
C ARG B 142 18.41 -2.41 1.37
N GLU B 143 19.41 -2.88 0.63
CA GLU B 143 20.11 -4.12 0.95
C GLU B 143 20.74 -4.06 2.35
N ALA B 144 20.47 -5.07 3.17
CA ALA B 144 21.02 -5.15 4.53
C ALA B 144 21.10 -6.60 4.94
N LYS B 145 22.01 -6.92 5.87
CA LYS B 145 22.08 -8.29 6.34
C LYS B 145 21.87 -8.36 7.84
N VAL B 146 20.89 -9.15 8.25
CA VAL B 146 20.56 -9.31 9.66
C VAL B 146 20.77 -10.73 10.09
N GLN B 147 21.54 -10.92 11.15
CA GLN B 147 21.80 -12.23 11.67
C GLN B 147 21.40 -12.36 13.13
N TRP B 148 20.44 -13.23 13.39
CA TRP B 148 19.98 -13.45 14.76
C TRP B 148 20.89 -14.40 15.50
N LYS B 149 21.14 -14.08 16.78
CA LYS B 149 21.94 -14.95 17.63
C LYS B 149 21.29 -15.15 19.01
N VAL B 150 21.30 -16.39 19.48
CA VAL B 150 20.78 -16.65 20.83
C VAL B 150 21.86 -17.39 21.61
N ASP B 151 22.38 -16.78 22.67
CA ASP B 151 23.51 -17.36 23.40
C ASP B 151 24.65 -17.73 22.44
N ASN B 152 24.89 -16.85 21.47
CA ASN B 152 25.90 -16.96 20.39
C ASN B 152 25.62 -18.07 19.38
N ALA B 153 24.45 -18.68 19.44
CA ALA B 153 24.05 -19.65 18.45
C ALA B 153 23.41 -18.94 17.30
N LEU B 154 23.94 -19.12 16.09
CA LEU B 154 23.34 -18.42 14.97
C LEU B 154 22.07 -19.11 14.55
N GLN B 155 21.05 -18.31 14.28
CA GLN B 155 19.76 -18.84 13.92
C GLN B 155 19.57 -18.92 12.43
N SER B 156 18.69 -19.82 12.03
CA SER B 156 18.22 -19.92 10.66
C SER B 156 16.92 -20.73 10.66
N GLY B 157 16.11 -20.56 9.62
CA GLY B 157 14.90 -21.37 9.44
C GLY B 157 13.73 -20.92 10.32
N ASN B 158 13.93 -19.84 11.06
CA ASN B 158 12.94 -19.36 11.99
C ASN B 158 12.79 -17.84 12.01
N SER B 159 13.13 -17.15 10.92
CA SER B 159 12.95 -15.70 10.94
C SER B 159 12.41 -15.14 9.63
N GLN B 160 11.58 -14.11 9.76
CA GLN B 160 10.98 -13.41 8.63
C GLN B 160 11.58 -12.05 8.50
N GLU B 161 11.49 -11.48 7.32
CA GLU B 161 11.94 -10.10 7.12
C GLU B 161 10.95 -9.29 6.32
N SER B 162 10.92 -7.99 6.58
CA SER B 162 10.06 -7.09 5.81
C SER B 162 10.65 -5.68 5.72
N VAL B 163 10.58 -5.10 4.52
CA VAL B 163 11.12 -3.76 4.22
C VAL B 163 10.03 -2.76 3.86
N THR B 164 10.15 -1.55 4.41
CA THR B 164 9.17 -0.50 4.22
C THR B 164 9.27 0.06 2.84
N GLU B 165 8.32 0.89 2.50
CA GLU B 165 8.43 1.57 1.25
C GLU B 165 9.48 2.63 1.41
N GLN B 166 9.99 3.13 0.31
CA GLN B 166 10.97 4.17 0.38
C GLN B 166 10.34 5.41 0.99
N ASP B 167 10.98 5.98 1.99
CA ASP B 167 10.43 7.13 2.68
C ASP B 167 10.20 8.30 1.74
N SER B 168 9.00 8.86 1.81
CA SER B 168 8.59 9.99 0.98
C SER B 168 9.38 11.30 1.17
N LYS B 169 10.11 11.42 2.25
CA LYS B 169 10.89 12.63 2.50
C LYS B 169 12.39 12.36 2.49
N ASP B 170 12.80 11.30 3.20
CA ASP B 170 14.22 10.98 3.39
C ASP B 170 14.80 10.10 2.29
N SER B 171 13.92 9.42 1.54
CA SER B 171 14.27 8.44 0.53
C SER B 171 15.09 7.24 1.08
N THR B 172 14.81 6.91 2.34
CA THR B 172 15.44 5.81 3.06
C THR B 172 14.52 4.66 3.29
N TYR B 173 15.09 3.58 3.76
CA TYR B 173 14.34 2.39 4.05
C TYR B 173 14.44 1.98 5.50
N SER B 174 13.43 1.29 5.98
CA SER B 174 13.56 0.63 7.27
C SER B 174 13.31 -0.87 7.07
N LEU B 175 13.87 -1.68 7.96
CA LEU B 175 13.78 -3.14 7.92
C LEU B 175 13.47 -3.79 9.25
N SER B 176 12.46 -4.67 9.26
CA SER B 176 12.17 -5.43 10.45
C SER B 176 12.58 -6.86 10.22
N SER B 177 12.97 -7.51 11.29
CA SER B 177 13.24 -8.92 11.24
C SER B 177 12.67 -9.56 12.47
N THR B 178 11.87 -10.57 12.29
CA THR B 178 11.23 -11.20 13.43
C THR B 178 11.70 -12.62 13.57
N LEU B 179 12.23 -12.94 14.75
CA LEU B 179 12.71 -14.27 15.08
C LEU B 179 11.61 -15.00 15.85
N THR B 180 11.18 -16.14 15.34
CA THR B 180 10.07 -16.84 15.98
C THR B 180 10.53 -18.12 16.69
N LEU B 181 10.30 -18.13 18.00
CA LEU B 181 10.70 -19.19 18.90
C LEU B 181 9.45 -19.74 19.61
N SER B 182 9.44 -21.00 20.05
CA SER B 182 8.31 -21.36 20.91
C SER B 182 8.64 -20.74 22.26
N LYS B 183 7.66 -20.63 23.16
CA LYS B 183 8.01 -20.13 24.49
C LYS B 183 9.12 -20.98 25.10
N ALA B 184 9.06 -22.30 24.90
CA ALA B 184 10.08 -23.22 25.43
C ALA B 184 11.46 -22.89 24.84
N ASP B 185 11.50 -22.45 23.59
CA ASP B 185 12.79 -22.17 22.98
C ASP B 185 13.29 -20.83 23.49
N TYR B 186 12.37 -19.91 23.72
CA TYR B 186 12.75 -18.63 24.26
C TYR B 186 13.32 -18.82 25.68
N GLU B 187 12.57 -19.53 26.54
CA GLU B 187 12.96 -19.76 27.94
C GLU B 187 14.23 -20.60 28.16
N LYS B 188 14.53 -21.56 27.28
CA LYS B 188 15.72 -22.38 27.48
C LYS B 188 17.03 -21.57 27.31
N HIS B 189 16.96 -20.36 26.72
CA HIS B 189 18.11 -19.50 26.47
C HIS B 189 18.11 -18.15 27.24
N LYS B 190 19.30 -17.56 27.45
CA LYS B 190 19.42 -16.30 28.22
C LYS B 190 19.62 -15.01 27.41
N VAL B 191 20.61 -15.03 26.51
CA VAL B 191 21.04 -13.84 25.78
C VAL B 191 20.49 -13.77 24.36
N TYR B 192 19.80 -12.69 24.05
CA TYR B 192 19.26 -12.52 22.73
C TYR B 192 19.95 -11.38 22.02
N ALA B 193 20.27 -11.57 20.74
CA ALA B 193 20.93 -10.49 20.04
C ALA B 193 20.63 -10.45 18.55
N CYS B 194 20.77 -9.24 18.01
CA CYS B 194 20.62 -8.98 16.59
C CYS B 194 21.84 -8.29 16.02
N GLU B 195 22.53 -8.97 15.09
CA GLU B 195 23.73 -8.43 14.46
C GLU B 195 23.39 -7.87 13.09
N VAL B 196 23.82 -6.64 12.84
CA VAL B 196 23.55 -5.98 11.59
C VAL B 196 24.79 -5.58 10.80
N THR B 197 24.80 -5.98 9.53
CA THR B 197 25.85 -5.62 8.60
C THR B 197 25.23 -4.79 7.48
N HIS B 198 25.85 -3.65 7.20
CA HIS B 198 25.32 -2.71 6.22
C HIS B 198 26.41 -1.83 5.64
N GLN B 199 26.23 -1.43 4.40
CA GLN B 199 27.17 -0.57 3.67
C GLN B 199 27.52 0.72 4.39
N GLY B 200 26.58 1.30 5.13
CA GLY B 200 26.82 2.55 5.82
C GLY B 200 27.61 2.39 7.11
N LEU B 201 27.95 1.17 7.50
CA LEU B 201 28.68 0.93 8.73
C LEU B 201 30.16 0.64 8.46
N SER B 202 31.03 1.11 9.36
CA SER B 202 32.46 0.81 9.26
C SER B 202 32.78 -0.57 9.84
N SER B 203 31.82 -1.12 10.55
CA SER B 203 31.91 -2.40 11.22
C SER B 203 30.49 -2.86 11.56
N PRO B 204 30.17 -4.16 11.49
CA PRO B 204 28.90 -4.74 11.90
C PRO B 204 28.63 -4.35 13.34
N VAL B 205 27.36 -4.16 13.69
CA VAL B 205 26.99 -3.75 15.05
C VAL B 205 26.01 -4.73 15.68
N THR B 206 25.91 -4.72 17.01
CA THR B 206 24.96 -5.63 17.66
C THR B 206 24.12 -4.99 18.78
N LYS B 207 22.82 -5.32 18.79
CA LYS B 207 21.94 -4.94 19.89
C LYS B 207 21.53 -6.19 20.66
N SER B 208 21.34 -6.08 21.96
CA SER B 208 21.02 -7.28 22.72
C SER B 208 20.23 -7.05 23.99
N PHE B 209 19.69 -8.14 24.53
CA PHE B 209 18.99 -8.14 25.81
C PHE B 209 19.15 -9.47 26.52
N ASN B 210 18.81 -9.47 27.80
CA ASN B 210 18.89 -10.67 28.64
C ASN B 210 17.57 -10.90 29.35
N ARG B 211 17.15 -12.15 29.45
CA ARG B 211 15.91 -12.38 30.17
C ARG B 211 16.10 -12.17 31.68
N GLY B 212 15.07 -11.65 32.36
CA GLY B 212 15.13 -11.44 33.81
C GLY B 212 14.05 -10.48 34.30
#